data_1TWN
#
_entry.id   1TWN
#
_cell.length_a   61.607
_cell.length_b   54.562
_cell.length_c   71.720
_cell.angle_alpha   90.00
_cell.angle_beta   99.24
_cell.angle_gamma   90.00
#
_symmetry.space_group_name_H-M   'P 1 21 1'
#
loop_
_entity.id
_entity.type
_entity.pdbx_description
1 polymer 'Heme oxygenase 1'
2 non-polymer IRON-OCTAETHYLPORPHYRIN
3 water water
#
_entity_poly.entity_id   1
_entity_poly.type   'polypeptide(L)'
_entity_poly.pdbx_seq_one_letter_code
;MERPQPDSMPQDLSEALKEATKEVHTQAENAEFMRNFQKGQVTRDGFKLVMASLYHIYVALEEEIERNKESPVFAPVYFP
EELHRKAALEQDLAFWYGPRWQEVIPYTPAMQRYVKRLHEVGRTEPELLVAHAYTRYLGDLSGGQVLKKIAQKALDLPSS
GEGLAFFTFPNIASATKFKQLYRSRMNSLEMTPAVRQRVIEEAKTAFLLNIQLFEELQELLTHDTKDQSPSRA
;
_entity_poly.pdbx_strand_id   A,B
#
loop_
_chem_comp.id
_chem_comp.type
_chem_comp.name
_chem_comp.formula
VER non-polymer IRON-OCTAETHYLPORPHYRIN 'C30 H27 Fe N4 O3 1'
#
# COMPACT_ATOMS: atom_id res chain seq x y z
N PRO A 10 -0.13 3.18 36.60
CA PRO A 10 1.29 2.85 36.87
C PRO A 10 2.22 3.97 36.42
N GLN A 11 3.52 3.77 36.61
CA GLN A 11 4.51 4.77 36.23
C GLN A 11 4.63 4.93 34.71
N ASP A 12 4.96 3.86 34.02
CA ASP A 12 5.06 3.92 32.56
C ASP A 12 3.72 4.26 31.93
N LEU A 13 3.74 5.23 31.03
CA LEU A 13 2.52 5.65 30.34
C LEU A 13 1.86 4.46 29.66
N SER A 14 2.66 3.66 28.96
CA SER A 14 2.14 2.49 28.25
C SER A 14 1.44 1.54 29.21
N GLU A 15 1.97 1.44 30.43
CA GLU A 15 1.40 0.58 31.45
C GLU A 15 0.12 1.21 31.98
N ALA A 16 0.11 2.54 32.05
CA ALA A 16 -1.05 3.28 32.54
C ALA A 16 -2.22 3.17 31.55
N LEU A 17 -1.92 3.26 30.25
CA LEU A 17 -2.94 3.16 29.22
C LEU A 17 -3.59 1.77 29.22
N LYS A 18 -2.76 0.74 29.19
CA LYS A 18 -3.23 -0.64 29.19
C LYS A 18 -4.17 -0.91 30.36
N GLU A 19 -3.83 -0.40 31.54
CA GLU A 19 -4.63 -0.60 32.73
C GLU A 19 -5.93 0.20 32.73
N ALA A 20 -5.88 1.45 32.28
CA ALA A 20 -7.06 2.31 32.26
C ALA A 20 -8.10 1.90 31.24
N THR A 21 -7.66 1.29 30.14
CA THR A 21 -8.59 0.88 29.08
C THR A 21 -9.05 -0.58 29.14
N LYS A 22 -8.69 -1.29 30.20
CA LYS A 22 -9.10 -2.68 30.33
C LYS A 22 -10.62 -2.82 30.23
N GLU A 23 -11.32 -1.98 30.99
CA GLU A 23 -12.78 -2.00 31.01
C GLU A 23 -13.40 -1.76 29.64
N VAL A 24 -13.03 -0.67 28.98
CA VAL A 24 -13.58 -0.36 27.67
C VAL A 24 -13.20 -1.36 26.59
N HIS A 25 -12.00 -1.94 26.69
CA HIS A 25 -11.59 -2.93 25.70
C HIS A 25 -12.54 -4.13 25.77
N THR A 26 -12.99 -4.45 26.98
CA THR A 26 -13.91 -5.56 27.18
C THR A 26 -15.27 -5.25 26.58
N GLN A 27 -15.71 -4.00 26.69
CA GLN A 27 -16.99 -3.60 26.12
C GLN A 27 -16.89 -3.71 24.60
N ALA A 28 -15.72 -3.39 24.06
CA ALA A 28 -15.50 -3.47 22.63
C ALA A 28 -15.64 -4.93 22.23
N GLU A 29 -15.05 -5.81 23.02
CA GLU A 29 -15.13 -7.24 22.74
C GLU A 29 -16.55 -7.75 22.92
N ASN A 30 -17.27 -7.23 23.91
CA ASN A 30 -18.64 -7.66 24.15
C ASN A 30 -19.68 -7.10 23.20
N ALA A 31 -19.32 -6.06 22.45
CA ALA A 31 -20.27 -5.46 21.50
C ALA A 31 -20.85 -6.54 20.59
N GLU A 32 -22.16 -6.47 20.36
CA GLU A 32 -22.85 -7.44 19.53
C GLU A 32 -22.15 -7.75 18.21
N PHE A 33 -21.79 -6.71 17.47
CA PHE A 33 -21.11 -6.89 16.20
C PHE A 33 -19.80 -7.65 16.34
N MET A 34 -19.00 -7.29 17.34
CA MET A 34 -17.72 -7.98 17.56
C MET A 34 -17.90 -9.36 18.15
N ARG A 35 -18.98 -9.56 18.91
CA ARG A 35 -19.26 -10.88 19.48
C ARG A 35 -19.47 -11.83 18.32
N ASN A 36 -20.34 -11.41 17.39
CA ASN A 36 -20.64 -12.20 16.20
C ASN A 36 -19.37 -12.45 15.42
N PHE A 37 -18.51 -11.43 15.36
CA PHE A 37 -17.27 -11.54 14.62
C PHE A 37 -16.40 -12.64 15.23
N GLN A 38 -16.21 -12.57 16.55
CA GLN A 38 -15.41 -13.56 17.25
C GLN A 38 -16.00 -14.95 17.10
N LYS A 39 -17.32 -15.05 17.19
CA LYS A 39 -18.00 -16.33 17.04
C LYS A 39 -17.91 -16.83 15.61
N GLY A 40 -17.05 -16.19 14.82
CA GLY A 40 -16.89 -16.59 13.43
C GLY A 40 -18.08 -16.19 12.58
N GLN A 41 -19.08 -15.58 13.21
CA GLN A 41 -20.27 -15.15 12.51
C GLN A 41 -20.14 -13.72 11.95
N VAL A 42 -19.61 -13.61 10.74
CA VAL A 42 -19.45 -12.31 10.10
C VAL A 42 -19.75 -12.50 8.62
N THR A 43 -20.55 -11.61 8.05
CA THR A 43 -20.91 -11.71 6.64
C THR A 43 -20.07 -10.78 5.78
N ARG A 44 -20.10 -10.99 4.48
CA ARG A 44 -19.35 -10.15 3.57
C ARG A 44 -19.86 -8.72 3.61
N ASP A 45 -21.18 -8.55 3.78
CA ASP A 45 -21.75 -7.21 3.85
C ASP A 45 -21.23 -6.54 5.13
N GLY A 46 -21.16 -7.33 6.20
CA GLY A 46 -20.68 -6.79 7.47
C GLY A 46 -19.21 -6.44 7.40
N PHE A 47 -18.42 -7.32 6.77
CA PHE A 47 -16.98 -7.12 6.64
C PHE A 47 -16.66 -5.94 5.73
N LYS A 48 -17.48 -5.73 4.70
CA LYS A 48 -17.27 -4.61 3.78
C LYS A 48 -17.43 -3.31 4.55
N LEU A 49 -18.42 -3.26 5.44
CA LEU A 49 -18.66 -2.07 6.25
C LEU A 49 -17.52 -1.76 7.21
N VAL A 50 -16.91 -2.77 7.82
CA VAL A 50 -15.81 -2.51 8.73
C VAL A 50 -14.58 -2.01 7.97
N MET A 51 -14.36 -2.55 6.77
CA MET A 51 -13.22 -2.13 5.95
C MET A 51 -13.41 -0.67 5.51
N ALA A 52 -14.63 -0.32 5.15
CA ALA A 52 -14.94 1.06 4.74
C ALA A 52 -14.68 1.99 5.90
N SER A 53 -15.12 1.58 7.09
CA SER A 53 -14.92 2.37 8.31
C SER A 53 -13.42 2.63 8.51
N LEU A 54 -12.64 1.55 8.49
CA LEU A 54 -11.19 1.64 8.68
C LEU A 54 -10.54 2.61 7.69
N TYR A 55 -10.96 2.56 6.43
CA TYR A 55 -10.39 3.46 5.44
C TYR A 55 -10.56 4.91 5.88
N HIS A 56 -11.78 5.29 6.24
CA HIS A 56 -12.04 6.66 6.67
C HIS A 56 -11.26 7.04 7.93
N ILE A 57 -11.24 6.14 8.91
CA ILE A 57 -10.52 6.38 10.17
C ILE A 57 -9.03 6.61 9.96
N TYR A 58 -8.40 5.72 9.20
CA TYR A 58 -6.97 5.81 8.94
C TYR A 58 -6.56 6.98 8.06
N VAL A 59 -7.44 7.37 7.14
CA VAL A 59 -7.15 8.51 6.29
C VAL A 59 -7.01 9.73 7.19
N ALA A 60 -7.96 9.89 8.11
CA ALA A 60 -7.95 11.01 9.05
C ALA A 60 -6.78 10.94 10.04
N LEU A 61 -6.57 9.77 10.62
CA LEU A 61 -5.49 9.57 11.59
C LEU A 61 -4.11 9.83 11.00
N GLU A 62 -3.84 9.26 9.83
CA GLU A 62 -2.53 9.43 9.21
C GLU A 62 -2.38 10.82 8.62
N GLU A 63 -3.50 11.48 8.36
CA GLU A 63 -3.46 12.84 7.83
C GLU A 63 -2.95 13.72 8.98
N GLU A 64 -3.47 13.48 10.18
CA GLU A 64 -3.08 14.26 11.35
C GLU A 64 -1.69 13.89 11.87
N ILE A 65 -1.27 12.64 11.66
CA ILE A 65 0.05 12.24 12.12
C ILE A 65 1.12 12.98 11.30
N GLU A 66 0.89 13.09 10.00
CA GLU A 66 1.84 13.78 9.12
C GLU A 66 1.90 15.28 9.45
N ARG A 67 0.82 15.81 10.00
CA ARG A 67 0.75 17.22 10.37
C ARG A 67 1.59 17.53 11.61
N ASN A 68 1.62 16.61 12.57
CA ASN A 68 2.38 16.81 13.80
C ASN A 68 3.59 15.88 13.92
N LYS A 69 4.06 15.32 12.81
CA LYS A 69 5.18 14.39 12.86
C LYS A 69 6.47 14.94 13.46
N GLU A 70 6.67 16.25 13.38
CA GLU A 70 7.88 16.86 13.92
C GLU A 70 7.71 17.47 15.31
N SER A 71 6.45 17.53 15.78
CA SER A 71 6.18 18.08 17.10
C SER A 71 6.70 17.14 18.18
N PRO A 72 7.31 17.70 19.24
CA PRO A 72 7.85 16.85 20.31
C PRO A 72 6.76 16.09 21.07
N VAL A 73 5.49 16.39 20.79
CA VAL A 73 4.39 15.70 21.44
C VAL A 73 4.02 14.41 20.71
N PHE A 74 4.61 14.20 19.53
CA PHE A 74 4.33 12.99 18.77
C PHE A 74 5.56 12.35 18.10
N ALA A 75 6.50 13.17 17.67
CA ALA A 75 7.72 12.69 17.00
C ALA A 75 8.24 11.34 17.50
N PRO A 76 8.36 11.16 18.83
CA PRO A 76 8.85 9.90 19.40
C PRO A 76 8.12 8.64 18.91
N VAL A 77 6.83 8.74 18.62
CA VAL A 77 6.08 7.57 18.15
C VAL A 77 5.74 7.62 16.66
N TYR A 78 6.49 8.40 15.90
CA TYR A 78 6.27 8.51 14.46
C TYR A 78 7.01 7.39 13.72
N PHE A 79 6.25 6.41 13.23
CA PHE A 79 6.80 5.26 12.49
C PHE A 79 5.98 5.08 11.21
N PRO A 80 6.14 6.01 10.26
CA PRO A 80 5.43 6.00 8.97
C PRO A 80 5.49 4.72 8.12
N GLU A 81 6.69 4.21 7.88
CA GLU A 81 6.85 3.01 7.05
C GLU A 81 6.33 1.75 7.74
N GLU A 82 6.59 1.62 9.03
CA GLU A 82 6.15 0.45 9.78
C GLU A 82 4.64 0.34 9.97
N LEU A 83 3.97 1.47 10.16
CA LEU A 83 2.54 1.47 10.46
C LEU A 83 1.49 1.96 9.47
N HIS A 84 1.85 2.79 8.49
CA HIS A 84 0.83 3.32 7.58
C HIS A 84 -0.07 2.23 6.96
N ARG A 85 -1.39 2.46 7.08
CA ARG A 85 -2.39 1.51 6.60
C ARG A 85 -3.27 2.00 5.43
N LYS A 86 -3.24 3.30 5.18
CA LYS A 86 -4.07 3.87 4.11
C LYS A 86 -3.92 3.16 2.76
N ALA A 87 -2.70 3.04 2.25
CA ALA A 87 -2.48 2.39 0.96
C ALA A 87 -3.05 0.96 0.97
N ALA A 88 -2.83 0.25 2.06
CA ALA A 88 -3.31 -1.13 2.19
C ALA A 88 -4.84 -1.19 2.07
N LEU A 89 -5.52 -0.24 2.70
CA LEU A 89 -6.98 -0.19 2.68
C LEU A 89 -7.50 0.19 1.30
N GLU A 90 -6.77 1.07 0.60
CA GLU A 90 -7.18 1.46 -0.74
C GLU A 90 -7.19 0.20 -1.60
N GLN A 91 -6.12 -0.60 -1.50
CA GLN A 91 -6.01 -1.86 -2.24
C GLN A 91 -7.19 -2.79 -1.90
N ASP A 92 -7.46 -2.96 -0.60
CA ASP A 92 -8.53 -3.83 -0.14
C ASP A 92 -9.93 -3.40 -0.59
N LEU A 93 -10.22 -2.11 -0.47
CA LEU A 93 -11.52 -1.62 -0.88
C LEU A 93 -11.75 -1.75 -2.39
N ALA A 94 -10.66 -1.70 -3.17
CA ALA A 94 -10.79 -1.84 -4.62
C ALA A 94 -11.28 -3.25 -4.92
N PHE A 95 -10.92 -4.19 -4.04
CA PHE A 95 -11.34 -5.56 -4.19
C PHE A 95 -12.77 -5.78 -3.69
N TRP A 96 -13.06 -5.29 -2.49
CA TRP A 96 -14.39 -5.46 -1.90
C TRP A 96 -15.51 -4.66 -2.55
N TYR A 97 -15.21 -3.45 -3.03
CA TYR A 97 -16.23 -2.62 -3.63
C TYR A 97 -16.08 -2.39 -5.13
N GLY A 98 -14.99 -2.86 -5.71
CA GLY A 98 -14.79 -2.68 -7.14
C GLY A 98 -13.97 -1.45 -7.53
N PRO A 99 -13.69 -1.29 -8.83
CA PRO A 99 -12.90 -0.17 -9.38
C PRO A 99 -13.44 1.22 -9.03
N ARG A 100 -14.73 1.30 -8.77
CA ARG A 100 -15.37 2.58 -8.46
C ARG A 100 -15.68 2.72 -6.97
N TRP A 101 -14.97 1.95 -6.14
CA TRP A 101 -15.17 1.97 -4.70
C TRP A 101 -15.29 3.36 -4.07
N GLN A 102 -14.51 4.31 -4.57
CA GLN A 102 -14.53 5.67 -4.03
C GLN A 102 -15.87 6.35 -4.13
N GLU A 103 -16.62 6.00 -5.16
CA GLU A 103 -17.94 6.59 -5.35
C GLU A 103 -19.04 5.85 -4.59
N VAL A 104 -18.82 4.57 -4.28
CA VAL A 104 -19.85 3.78 -3.61
C VAL A 104 -19.67 3.41 -2.13
N ILE A 105 -18.46 3.48 -1.59
CA ILE A 105 -18.28 3.12 -0.18
C ILE A 105 -19.08 4.05 0.72
N PRO A 106 -19.70 3.49 1.77
CA PRO A 106 -20.49 4.32 2.69
C PRO A 106 -19.62 5.13 3.64
N TYR A 107 -20.15 6.27 4.06
CA TYR A 107 -19.48 7.14 5.02
C TYR A 107 -20.62 7.52 5.96
N THR A 108 -20.78 6.73 7.02
CA THR A 108 -21.85 6.92 7.99
C THR A 108 -21.61 7.95 9.08
N PRO A 109 -22.69 8.37 9.77
CA PRO A 109 -22.62 9.34 10.86
C PRO A 109 -21.67 8.89 11.96
N ALA A 110 -21.67 7.60 12.29
CA ALA A 110 -20.79 7.08 13.33
C ALA A 110 -19.32 7.13 12.87
N MET A 111 -19.09 6.93 11.57
CA MET A 111 -17.73 7.00 11.04
C MET A 111 -17.29 8.47 11.09
N GLN A 112 -18.21 9.36 10.75
CA GLN A 112 -17.94 10.80 10.76
C GLN A 112 -17.61 11.33 12.15
N ARG A 113 -18.28 10.80 13.18
CA ARG A 113 -18.02 11.25 14.55
C ARG A 113 -16.60 10.87 14.96
N TYR A 114 -16.16 9.70 14.51
CA TYR A 114 -14.80 9.23 14.82
C TYR A 114 -13.80 10.14 14.08
N VAL A 115 -14.01 10.28 12.77
CA VAL A 115 -13.15 11.11 11.93
C VAL A 115 -13.08 12.54 12.44
N LYS A 116 -14.24 13.07 12.86
CA LYS A 116 -14.30 14.44 13.39
C LYS A 116 -13.43 14.61 14.63
N ARG A 117 -13.46 13.64 15.54
CA ARG A 117 -12.66 13.75 16.75
C ARG A 117 -11.17 13.67 16.45
N LEU A 118 -10.80 12.89 15.45
CA LEU A 118 -9.40 12.73 15.05
C LEU A 118 -8.83 14.05 14.55
N HIS A 119 -9.57 14.74 13.69
CA HIS A 119 -9.10 16.01 13.16
C HIS A 119 -9.05 17.09 14.26
N GLU A 120 -10.00 17.05 15.21
CA GLU A 120 -9.99 18.03 16.30
C GLU A 120 -8.73 17.85 17.12
N VAL A 121 -8.46 16.61 17.51
CA VAL A 121 -7.27 16.30 18.29
C VAL A 121 -6.01 16.70 17.51
N GLY A 122 -5.95 16.28 16.27
CA GLY A 122 -4.80 16.59 15.44
C GLY A 122 -4.55 18.08 15.23
N ARG A 123 -5.61 18.86 15.10
CA ARG A 123 -5.48 20.28 14.85
C ARG A 123 -5.53 21.23 16.05
N THR A 124 -6.10 20.78 17.17
CA THR A 124 -6.18 21.64 18.35
C THR A 124 -5.71 21.01 19.66
N GLU A 125 -5.54 19.69 19.68
CA GLU A 125 -5.08 19.01 20.88
C GLU A 125 -4.05 17.94 20.50
N PRO A 126 -3.01 18.34 19.74
CA PRO A 126 -1.93 17.47 19.26
C PRO A 126 -1.36 16.50 20.29
N GLU A 127 -1.17 16.96 21.51
CA GLU A 127 -0.60 16.10 22.56
C GLU A 127 -1.44 14.88 22.89
N LEU A 128 -2.66 14.81 22.34
CA LEU A 128 -3.53 13.68 22.60
C LEU A 128 -3.57 12.71 21.43
N LEU A 129 -2.90 13.06 20.34
CA LEU A 129 -2.89 12.20 19.15
C LEU A 129 -2.30 10.83 19.47
N VAL A 130 -1.28 10.80 20.32
CA VAL A 130 -0.66 9.53 20.68
C VAL A 130 -1.67 8.54 21.26
N ALA A 131 -2.75 9.05 21.85
CA ALA A 131 -3.79 8.19 22.42
C ALA A 131 -4.54 7.45 21.31
N HIS A 132 -4.85 8.15 20.23
CA HIS A 132 -5.55 7.54 19.10
C HIS A 132 -4.64 6.63 18.28
N ALA A 133 -3.37 7.00 18.15
CA ALA A 133 -2.43 6.19 17.39
C ALA A 133 -2.21 4.89 18.16
N TYR A 134 -2.12 5.00 19.48
CA TYR A 134 -1.94 3.84 20.34
C TYR A 134 -3.10 2.87 20.19
N THR A 135 -4.31 3.37 20.39
CA THR A 135 -5.54 2.58 20.30
C THR A 135 -5.69 1.84 18.98
N ARG A 136 -5.53 2.55 17.86
CA ARG A 136 -5.66 1.95 16.54
C ARG A 136 -4.49 1.04 16.16
N TYR A 137 -3.29 1.61 16.08
CA TYR A 137 -2.13 0.83 15.69
C TYR A 137 -1.79 -0.37 16.57
N LEU A 138 -1.70 -0.18 17.88
CA LEU A 138 -1.37 -1.30 18.75
C LEU A 138 -2.48 -2.34 18.84
N GLY A 139 -3.72 -1.89 18.74
CA GLY A 139 -4.83 -2.82 18.77
C GLY A 139 -4.88 -3.66 17.51
N ASP A 140 -4.80 -3.00 16.35
CA ASP A 140 -4.85 -3.71 15.09
C ASP A 140 -3.66 -4.66 14.95
N LEU A 141 -2.57 -4.32 15.63
CA LEU A 141 -1.35 -5.12 15.60
C LEU A 141 -1.38 -6.26 16.62
N SER A 142 -2.40 -6.28 17.47
CA SER A 142 -2.54 -7.32 18.48
C SER A 142 -3.77 -8.18 18.18
N GLY A 143 -4.95 -7.62 18.43
CA GLY A 143 -6.16 -8.35 18.16
C GLY A 143 -6.41 -8.48 16.67
N GLY A 144 -5.85 -7.54 15.92
CA GLY A 144 -6.03 -7.58 14.48
C GLY A 144 -5.70 -8.91 13.85
N GLN A 145 -4.67 -9.60 14.34
CA GLN A 145 -4.29 -10.87 13.77
C GLN A 145 -5.21 -12.06 14.10
N VAL A 146 -5.95 -11.99 15.21
CA VAL A 146 -6.89 -13.07 15.53
C VAL A 146 -8.12 -12.89 14.66
N LEU A 147 -8.48 -11.65 14.40
CA LEU A 147 -9.63 -11.32 13.58
C LEU A 147 -9.32 -11.68 12.13
N LYS A 148 -8.05 -11.56 11.77
CA LYS A 148 -7.60 -11.88 10.43
C LYS A 148 -7.87 -13.36 10.18
N LYS A 149 -7.44 -14.19 11.13
CA LYS A 149 -7.62 -15.63 11.04
C LYS A 149 -9.09 -16.00 10.90
N ILE A 150 -9.94 -15.41 11.75
CA ILE A 150 -11.36 -15.68 11.72
C ILE A 150 -12.01 -15.22 10.41
N ALA A 151 -11.63 -14.02 9.98
CA ALA A 151 -12.18 -13.43 8.76
C ALA A 151 -12.03 -14.31 7.53
N GLN A 152 -10.81 -14.72 7.23
CA GLN A 152 -10.57 -15.54 6.05
C GLN A 152 -11.25 -16.90 6.06
N LYS A 153 -11.31 -17.54 7.23
CA LYS A 153 -11.95 -18.84 7.33
C LYS A 153 -13.46 -18.71 7.40
N ALA A 154 -13.95 -17.47 7.39
CA ALA A 154 -15.39 -17.22 7.45
C ALA A 154 -15.91 -16.55 6.20
N LEU A 155 -15.03 -15.85 5.49
CA LEU A 155 -15.42 -15.14 4.27
C LEU A 155 -15.45 -16.02 3.02
N ASP A 156 -14.68 -17.10 3.02
CA ASP A 156 -14.66 -18.02 1.89
C ASP A 156 -14.29 -17.26 0.61
N LEU A 157 -13.16 -16.57 0.66
CA LEU A 157 -12.68 -15.77 -0.45
C LEU A 157 -12.10 -16.55 -1.61
N PRO A 158 -12.21 -16.01 -2.83
CA PRO A 158 -11.65 -16.72 -3.98
C PRO A 158 -10.13 -16.54 -3.81
N SER A 159 -9.35 -17.31 -4.55
CA SER A 159 -7.90 -17.19 -4.44
C SER A 159 -7.38 -16.08 -5.35
N SER A 160 -7.94 -14.88 -5.20
CA SER A 160 -7.54 -13.76 -6.04
C SER A 160 -6.37 -12.95 -5.50
N GLY A 161 -5.88 -13.33 -4.32
CA GLY A 161 -4.75 -12.64 -3.73
C GLY A 161 -4.96 -11.21 -3.28
N GLU A 162 -6.19 -10.86 -2.90
CA GLU A 162 -6.50 -9.50 -2.46
C GLU A 162 -7.63 -9.47 -1.45
N GLY A 163 -7.81 -8.33 -0.80
CA GLY A 163 -8.88 -8.16 0.17
C GLY A 163 -8.47 -8.07 1.63
N LEU A 164 -7.28 -8.57 1.97
CA LEU A 164 -6.87 -8.54 3.37
C LEU A 164 -5.48 -7.96 3.66
N ALA A 165 -4.99 -7.12 2.75
CA ALA A 165 -3.67 -6.51 2.92
C ALA A 165 -3.60 -5.69 4.22
N PHE A 166 -4.74 -5.14 4.64
CA PHE A 166 -4.78 -4.34 5.86
C PHE A 166 -4.25 -5.09 7.08
N PHE A 167 -4.52 -6.39 7.16
CA PHE A 167 -4.08 -7.19 8.31
C PHE A 167 -2.62 -7.64 8.31
N THR A 168 -1.87 -7.23 7.28
CA THR A 168 -0.46 -7.57 7.21
C THR A 168 0.38 -6.29 7.19
N PHE A 169 1.28 -6.16 8.17
CA PHE A 169 2.19 -5.02 8.27
C PHE A 169 3.51 -5.53 7.70
N PRO A 170 3.73 -5.33 6.39
CA PRO A 170 4.94 -5.78 5.69
C PRO A 170 6.28 -5.24 6.20
N ASN A 171 6.27 -4.03 6.73
CA ASN A 171 7.52 -3.42 7.19
C ASN A 171 7.84 -3.68 8.67
N ILE A 172 7.14 -4.63 9.27
CA ILE A 172 7.40 -5.00 10.66
C ILE A 172 7.73 -6.49 10.73
N ALA A 173 9.00 -6.80 10.97
CA ALA A 173 9.44 -8.20 11.04
C ALA A 173 8.89 -8.94 12.25
N SER A 174 8.90 -8.29 13.41
CA SER A 174 8.38 -8.90 14.64
C SER A 174 7.38 -7.99 15.35
N ALA A 175 6.14 -8.46 15.48
CA ALA A 175 5.12 -7.66 16.13
C ALA A 175 5.45 -7.40 17.60
N THR A 176 5.77 -8.46 18.34
CA THR A 176 6.11 -8.31 19.75
C THR A 176 7.27 -7.35 19.93
N LYS A 177 8.30 -7.53 19.10
CA LYS A 177 9.47 -6.68 19.15
C LYS A 177 9.10 -5.21 18.87
N PHE A 178 8.29 -4.98 17.86
CA PHE A 178 7.90 -3.63 17.52
C PHE A 178 7.04 -3.00 18.62
N LYS A 179 6.08 -3.75 19.15
CA LYS A 179 5.21 -3.23 20.19
C LYS A 179 5.99 -2.82 21.45
N GLN A 180 7.10 -3.50 21.72
CA GLN A 180 7.93 -3.16 22.88
C GLN A 180 8.61 -1.83 22.60
N LEU A 181 9.15 -1.70 21.39
CA LEU A 181 9.82 -0.47 21.00
C LEU A 181 8.83 0.68 21.07
N TYR A 182 7.61 0.46 20.58
CA TYR A 182 6.59 1.50 20.59
C TYR A 182 6.24 1.90 22.02
N ARG A 183 6.20 0.92 22.91
CA ARG A 183 5.89 1.21 24.31
C ARG A 183 6.99 2.10 24.88
N SER A 184 8.24 1.79 24.57
CA SER A 184 9.38 2.56 25.05
C SER A 184 9.30 4.01 24.59
N ARG A 185 9.04 4.22 23.31
CA ARG A 185 8.94 5.57 22.76
C ARG A 185 7.79 6.34 23.43
N MET A 186 6.71 5.65 23.78
CA MET A 186 5.58 6.30 24.44
C MET A 186 5.99 6.80 25.82
N ASN A 187 6.69 5.93 26.55
CA ASN A 187 7.12 6.28 27.89
C ASN A 187 8.17 7.40 27.90
N SER A 188 8.76 7.67 26.74
CA SER A 188 9.78 8.71 26.64
C SER A 188 9.14 10.09 26.46
N LEU A 189 7.85 10.11 26.14
CA LEU A 189 7.14 11.37 25.96
C LEU A 189 7.11 12.17 27.27
N GLU A 190 7.38 13.47 27.17
CA GLU A 190 7.39 14.36 28.33
C GLU A 190 6.06 15.09 28.42
N MET A 191 5.34 14.91 29.52
CA MET A 191 4.05 15.57 29.69
C MET A 191 3.70 15.82 31.15
N THR A 192 3.05 16.95 31.41
CA THR A 192 2.63 17.31 32.76
C THR A 192 1.61 16.28 33.21
N PRO A 193 1.53 16.02 34.53
CA PRO A 193 0.56 15.05 35.05
C PRO A 193 -0.85 15.31 34.53
N ALA A 194 -1.16 16.58 34.27
CA ALA A 194 -2.48 16.97 33.78
C ALA A 194 -2.69 16.48 32.35
N VAL A 195 -1.66 16.62 31.51
CA VAL A 195 -1.73 16.18 30.13
C VAL A 195 -1.87 14.66 30.11
N ARG A 196 -1.11 14.00 30.98
CA ARG A 196 -1.13 12.55 31.07
C ARG A 196 -2.54 12.07 31.38
N GLN A 197 -3.26 12.80 32.22
CA GLN A 197 -4.64 12.43 32.57
C GLN A 197 -5.52 12.52 31.33
N ARG A 198 -5.34 13.57 30.54
CA ARG A 198 -6.15 13.73 29.32
C ARG A 198 -5.82 12.71 28.24
N VAL A 199 -4.56 12.26 28.18
CA VAL A 199 -4.18 11.28 27.18
C VAL A 199 -4.86 9.96 27.54
N ILE A 200 -4.90 9.66 28.84
CA ILE A 200 -5.52 8.44 29.32
C ILE A 200 -7.01 8.46 29.00
N GLU A 201 -7.67 9.59 29.26
CA GLU A 201 -9.08 9.74 28.98
C GLU A 201 -9.37 9.67 27.49
N GLU A 202 -8.48 10.25 26.68
CA GLU A 202 -8.66 10.25 25.24
C GLU A 202 -8.61 8.83 24.68
N ALA A 203 -7.77 7.99 25.27
CA ALA A 203 -7.66 6.61 24.83
C ALA A 203 -9.00 5.91 25.10
N LYS A 204 -9.60 6.18 26.24
CA LYS A 204 -10.89 5.58 26.58
C LYS A 204 -11.94 6.09 25.60
N THR A 205 -11.83 7.37 25.24
CA THR A 205 -12.74 7.98 24.28
C THR A 205 -12.59 7.28 22.93
N ALA A 206 -11.38 6.88 22.59
CA ALA A 206 -11.12 6.20 21.32
C ALA A 206 -11.92 4.90 21.28
N PHE A 207 -11.90 4.13 22.37
CA PHE A 207 -12.65 2.89 22.42
C PHE A 207 -14.16 3.15 22.29
N LEU A 208 -14.65 4.17 22.98
CA LEU A 208 -16.07 4.50 22.93
C LEU A 208 -16.52 4.85 21.51
N LEU A 209 -15.64 5.46 20.73
CA LEU A 209 -15.96 5.84 19.35
C LEU A 209 -16.06 4.58 18.50
N ASN A 210 -15.24 3.59 18.79
CA ASN A 210 -15.26 2.33 18.07
C ASN A 210 -16.53 1.58 18.45
N ILE A 211 -16.86 1.59 19.75
CA ILE A 211 -18.05 0.89 20.24
C ILE A 211 -19.34 1.45 19.65
N GLN A 212 -19.43 2.77 19.55
CA GLN A 212 -20.65 3.34 18.98
C GLN A 212 -20.71 3.00 17.48
N LEU A 213 -19.55 2.82 16.86
CA LEU A 213 -19.49 2.47 15.45
C LEU A 213 -20.04 1.06 15.27
N PHE A 214 -19.57 0.14 16.13
CA PHE A 214 -20.01 -1.25 16.09
C PHE A 214 -21.51 -1.33 16.28
N GLU A 215 -22.05 -0.50 17.18
CA GLU A 215 -23.48 -0.49 17.43
C GLU A 215 -24.22 -0.06 16.17
N GLU A 216 -23.71 1.00 15.52
CA GLU A 216 -24.34 1.50 14.31
C GLU A 216 -24.30 0.50 13.15
N LEU A 217 -23.15 -0.12 12.92
CA LEU A 217 -23.01 -1.07 11.83
C LEU A 217 -23.95 -2.26 12.00
N GLN A 218 -24.06 -2.74 13.23
CA GLN A 218 -24.94 -3.86 13.53
C GLN A 218 -26.38 -3.46 13.19
N GLU A 219 -26.75 -2.22 13.52
CA GLU A 219 -28.08 -1.71 13.23
C GLU A 219 -28.33 -1.68 11.73
N LEU A 220 -27.36 -1.18 10.96
CA LEU A 220 -27.49 -1.09 9.51
C LEU A 220 -27.64 -2.45 8.81
N LEU A 221 -27.04 -3.49 9.39
CA LEU A 221 -27.08 -4.83 8.79
C LEU A 221 -28.29 -5.67 9.17
N THR A 222 -29.09 -5.21 10.10
CA THR A 222 -30.25 -5.98 10.54
C THR A 222 -31.57 -5.37 10.10
N HIS A 223 -31.83 -5.39 8.79
CA HIS A 223 -33.09 -4.86 8.25
C HIS A 223 -33.67 -5.81 7.20
N PRO B 10 6.14 10.13 -34.64
CA PRO B 10 5.12 11.14 -34.99
C PRO B 10 5.41 12.49 -34.35
N GLN B 11 4.35 13.28 -34.14
CA GLN B 11 4.50 14.60 -33.56
C GLN B 11 4.41 14.59 -32.03
N ASP B 12 3.39 13.92 -31.49
CA ASP B 12 3.22 13.85 -30.04
C ASP B 12 4.17 12.87 -29.39
N LEU B 13 4.73 13.27 -28.25
CA LEU B 13 5.68 12.44 -27.52
C LEU B 13 5.08 11.05 -27.28
N SER B 14 3.86 11.01 -26.76
CA SER B 14 3.19 9.75 -26.47
C SER B 14 3.14 8.82 -27.69
N GLU B 15 2.88 9.38 -28.87
CA GLU B 15 2.80 8.59 -30.10
C GLU B 15 4.19 8.21 -30.62
N ALA B 16 5.18 9.05 -30.35
CA ALA B 16 6.54 8.76 -30.78
C ALA B 16 7.09 7.59 -29.97
N LEU B 17 6.92 7.64 -28.65
CA LEU B 17 7.38 6.57 -27.77
C LEU B 17 6.75 5.23 -28.15
N LYS B 18 5.44 5.24 -28.38
CA LYS B 18 4.70 4.04 -28.73
C LYS B 18 5.21 3.41 -30.02
N GLU B 19 5.46 4.24 -31.03
CA GLU B 19 5.95 3.76 -32.32
C GLU B 19 7.40 3.28 -32.24
N ALA B 20 8.25 4.07 -31.59
CA ALA B 20 9.68 3.73 -31.47
C ALA B 20 9.97 2.45 -30.67
N THR B 21 9.13 2.14 -29.70
CA THR B 21 9.35 0.95 -28.87
C THR B 21 8.56 -0.28 -29.31
N LYS B 22 7.89 -0.18 -30.45
CA LYS B 22 7.08 -1.27 -30.99
C LYS B 22 7.90 -2.56 -31.15
N GLU B 23 9.12 -2.40 -31.67
CA GLU B 23 10.02 -3.53 -31.89
C GLU B 23 10.43 -4.24 -30.59
N VAL B 24 11.04 -3.49 -29.68
CA VAL B 24 11.49 -4.03 -28.40
C VAL B 24 10.37 -4.59 -27.53
N HIS B 25 9.15 -4.09 -27.71
CA HIS B 25 8.03 -4.57 -26.91
C HIS B 25 7.73 -6.00 -27.33
N THR B 26 7.79 -6.27 -28.62
CA THR B 26 7.54 -7.60 -29.14
C THR B 26 8.60 -8.57 -28.62
N GLN B 27 9.86 -8.13 -28.60
CA GLN B 27 10.96 -8.95 -28.10
C GLN B 27 10.66 -9.32 -26.65
N ALA B 28 10.22 -8.33 -25.88
CA ALA B 28 9.89 -8.54 -24.47
C ALA B 28 8.76 -9.57 -24.35
N GLU B 29 7.78 -9.46 -25.22
CA GLU B 29 6.65 -10.40 -25.21
C GLU B 29 7.09 -11.79 -25.61
N ASN B 30 8.11 -11.86 -26.46
CA ASN B 30 8.62 -13.13 -26.93
C ASN B 30 9.73 -13.74 -26.09
N ALA B 31 10.25 -12.99 -25.13
CA ALA B 31 11.29 -13.51 -24.25
C ALA B 31 10.72 -14.77 -23.62
N GLU B 32 11.47 -15.87 -23.66
CA GLU B 32 11.01 -17.14 -23.14
C GLU B 32 10.25 -17.07 -21.82
N PHE B 33 10.82 -16.42 -20.81
CA PHE B 33 10.17 -16.31 -19.51
C PHE B 33 8.78 -15.65 -19.58
N MET B 34 8.67 -14.56 -20.32
CA MET B 34 7.40 -13.86 -20.47
C MET B 34 6.45 -14.66 -21.35
N ARG B 35 7.02 -15.38 -22.30
CA ARG B 35 6.24 -16.20 -23.23
C ARG B 35 5.59 -17.33 -22.44
N ASN B 36 6.35 -17.94 -21.53
CA ASN B 36 5.84 -19.03 -20.72
C ASN B 36 4.83 -18.52 -19.70
N PHE B 37 5.00 -17.28 -19.27
CA PHE B 37 4.09 -16.67 -18.29
C PHE B 37 2.71 -16.48 -18.94
N GLN B 38 2.70 -15.92 -20.15
CA GLN B 38 1.46 -15.69 -20.87
C GLN B 38 0.68 -16.97 -21.11
N LYS B 39 1.41 -18.07 -21.31
CA LYS B 39 0.80 -19.38 -21.54
C LYS B 39 0.40 -20.06 -20.23
N GLY B 40 0.37 -19.29 -19.14
CA GLY B 40 0.01 -19.83 -17.85
C GLY B 40 1.07 -20.75 -17.27
N GLN B 41 2.27 -20.70 -17.84
CA GLN B 41 3.37 -21.55 -17.37
C GLN B 41 4.36 -20.77 -16.51
N VAL B 42 4.01 -20.54 -15.26
CA VAL B 42 4.88 -19.84 -14.32
C VAL B 42 4.76 -20.51 -12.96
N THR B 43 5.89 -20.78 -12.33
CA THR B 43 5.91 -21.42 -11.02
C THR B 43 5.97 -20.37 -9.91
N ARG B 44 5.73 -20.81 -8.68
CA ARG B 44 5.78 -19.89 -7.55
C ARG B 44 7.18 -19.29 -7.39
N ASP B 45 8.20 -20.11 -7.63
CA ASP B 45 9.59 -19.65 -7.53
C ASP B 45 9.91 -18.63 -8.63
N GLY B 46 9.37 -18.87 -9.82
CA GLY B 46 9.59 -17.95 -10.92
C GLY B 46 8.87 -16.63 -10.66
N PHE B 47 7.63 -16.73 -10.19
CA PHE B 47 6.81 -15.56 -9.90
C PHE B 47 7.44 -14.71 -8.79
N LYS B 48 7.97 -15.37 -7.76
CA LYS B 48 8.60 -14.68 -6.64
C LYS B 48 9.82 -13.88 -7.11
N LEU B 49 10.55 -14.42 -8.09
CA LEU B 49 11.71 -13.73 -8.64
C LEU B 49 11.28 -12.49 -9.40
N VAL B 50 10.12 -12.56 -10.06
CA VAL B 50 9.60 -11.42 -10.81
C VAL B 50 9.18 -10.31 -9.84
N MET B 51 8.50 -10.70 -8.77
CA MET B 51 8.03 -9.74 -7.78
C MET B 51 9.21 -9.08 -7.08
N ALA B 52 10.22 -9.88 -6.75
CA ALA B 52 11.43 -9.36 -6.10
C ALA B 52 12.04 -8.32 -7.03
N SER B 53 12.16 -8.65 -8.31
CA SER B 53 12.72 -7.73 -9.30
C SER B 53 11.92 -6.42 -9.31
N LEU B 54 10.61 -6.53 -9.45
CA LEU B 54 9.73 -5.36 -9.48
C LEU B 54 9.92 -4.46 -8.26
N TYR B 55 10.03 -5.06 -7.08
CA TYR B 55 10.23 -4.27 -5.86
C TYR B 55 11.48 -3.39 -5.96
N HIS B 56 12.61 -3.99 -6.32
CA HIS B 56 13.84 -3.21 -6.44
C HIS B 56 13.71 -2.11 -7.49
N ILE B 57 13.16 -2.47 -8.63
CA ILE B 57 12.99 -1.52 -9.71
C ILE B 57 12.11 -0.35 -9.27
N TYR B 58 10.97 -0.63 -8.66
CA TYR B 58 10.08 0.43 -8.22
C TYR B 58 10.61 1.26 -7.06
N VAL B 59 11.37 0.66 -6.17
CA VAL B 59 11.94 1.42 -5.06
C VAL B 59 12.84 2.51 -5.66
N ALA B 60 13.69 2.11 -6.60
CA ALA B 60 14.61 3.01 -7.26
C ALA B 60 13.91 4.08 -8.11
N LEU B 61 12.91 3.65 -8.88
CA LEU B 61 12.16 4.56 -9.74
C LEU B 61 11.38 5.59 -8.95
N GLU B 62 10.69 5.14 -7.90
CA GLU B 62 9.89 6.06 -7.10
C GLU B 62 10.75 6.94 -6.20
N GLU B 63 11.95 6.47 -5.90
CA GLU B 63 12.88 7.22 -5.09
C GLU B 63 13.31 8.42 -5.95
N GLU B 64 13.69 8.16 -7.20
CA GLU B 64 14.12 9.21 -8.12
C GLU B 64 12.98 10.15 -8.53
N ILE B 65 11.76 9.63 -8.58
CA ILE B 65 10.61 10.46 -8.94
C ILE B 65 10.41 11.49 -7.83
N GLU B 66 10.47 11.05 -6.58
CA GLU B 66 10.30 11.95 -5.45
C GLU B 66 11.38 13.02 -5.41
N ARG B 67 12.56 12.69 -5.90
CA ARG B 67 13.68 13.64 -5.93
C ARG B 67 13.44 14.73 -6.96
N ASN B 68 12.88 14.37 -8.11
CA ASN B 68 12.66 15.34 -9.18
C ASN B 68 11.19 15.71 -9.43
N LYS B 69 10.32 15.47 -8.46
CA LYS B 69 8.91 15.78 -8.65
C LYS B 69 8.56 17.26 -8.83
N GLU B 70 9.41 18.14 -8.33
CA GLU B 70 9.17 19.58 -8.43
C GLU B 70 9.70 20.17 -9.74
N SER B 71 10.67 19.51 -10.35
CA SER B 71 11.24 19.99 -11.61
C SER B 71 10.25 19.94 -12.75
N PRO B 72 10.32 20.91 -13.67
CA PRO B 72 9.43 20.97 -14.83
C PRO B 72 9.62 19.85 -15.85
N VAL B 73 10.67 19.05 -15.67
CA VAL B 73 10.93 17.94 -16.59
C VAL B 73 10.12 16.70 -16.18
N PHE B 74 9.46 16.75 -15.02
CA PHE B 74 8.66 15.61 -14.55
C PHE B 74 7.34 15.99 -13.88
N ALA B 75 7.30 17.12 -13.21
CA ALA B 75 6.09 17.59 -12.53
C ALA B 75 4.79 17.30 -13.27
N PRO B 76 4.72 17.63 -14.57
CA PRO B 76 3.52 17.40 -15.38
C PRO B 76 3.01 15.96 -15.39
N VAL B 77 3.91 14.99 -15.17
CA VAL B 77 3.50 13.59 -15.15
C VAL B 77 3.58 12.97 -13.76
N TYR B 78 3.58 13.81 -12.73
CA TYR B 78 3.67 13.33 -11.35
C TYR B 78 2.28 12.99 -10.80
N PHE B 79 2.01 11.70 -10.66
CA PHE B 79 0.73 11.19 -10.14
C PHE B 79 1.02 10.16 -9.05
N PRO B 80 1.54 10.61 -7.90
CA PRO B 80 1.87 9.73 -6.78
C PRO B 80 0.77 8.80 -6.30
N GLU B 81 -0.39 9.35 -5.94
CA GLU B 81 -1.48 8.52 -5.46
C GLU B 81 -1.96 7.49 -6.46
N GLU B 82 -2.15 7.91 -7.70
CA GLU B 82 -2.62 7.01 -8.75
C GLU B 82 -1.69 5.86 -9.13
N LEU B 83 -0.38 6.10 -9.08
CA LEU B 83 0.56 5.09 -9.54
C LEU B 83 1.58 4.42 -8.60
N HIS B 84 1.86 4.99 -7.44
CA HIS B 84 2.88 4.39 -6.58
C HIS B 84 2.66 2.90 -6.34
N ARG B 85 3.72 2.12 -6.56
CA ARG B 85 3.68 0.66 -6.41
C ARG B 85 4.52 0.07 -5.25
N LYS B 86 5.44 0.86 -4.70
CA LYS B 86 6.29 0.35 -3.62
C LYS B 86 5.52 -0.35 -2.51
N ALA B 87 4.54 0.34 -1.92
CA ALA B 87 3.76 -0.21 -0.82
C ALA B 87 3.06 -1.52 -1.19
N ALA B 88 2.43 -1.56 -2.35
CA ALA B 88 1.74 -2.77 -2.78
C ALA B 88 2.72 -3.94 -2.91
N LEU B 89 3.94 -3.65 -3.37
CA LEU B 89 4.94 -4.69 -3.52
C LEU B 89 5.48 -5.16 -2.16
N GLU B 90 5.54 -4.25 -1.18
CA GLU B 90 5.98 -4.63 0.15
C GLU B 90 4.93 -5.62 0.73
N GLN B 91 3.66 -5.29 0.54
CA GLN B 91 2.59 -6.16 1.01
C GLN B 91 2.72 -7.57 0.42
N ASP B 92 2.93 -7.64 -0.91
CA ASP B 92 3.03 -8.94 -1.58
C ASP B 92 4.28 -9.74 -1.20
N LEU B 93 5.40 -9.07 -1.03
CA LEU B 93 6.64 -9.76 -0.67
C LEU B 93 6.55 -10.35 0.74
N ALA B 94 5.81 -9.69 1.62
CA ALA B 94 5.65 -10.18 2.99
C ALA B 94 4.88 -11.51 2.91
N PHE B 95 3.95 -11.58 1.97
CA PHE B 95 3.17 -12.80 1.78
C PHE B 95 4.00 -13.90 1.11
N TRP B 96 4.74 -13.53 0.07
CA TRP B 96 5.54 -14.51 -0.67
C TRP B 96 6.84 -14.96 -0.01
N TYR B 97 7.48 -14.09 0.77
CA TYR B 97 8.72 -14.45 1.44
C TYR B 97 8.66 -14.47 2.97
N GLY B 98 7.57 -13.99 3.56
CA GLY B 98 7.48 -13.99 5.00
C GLY B 98 7.80 -12.65 5.65
N PRO B 99 7.70 -12.54 6.98
CA PRO B 99 7.96 -11.33 7.76
C PRO B 99 9.34 -10.72 7.54
N ARG B 100 10.32 -11.54 7.21
CA ARG B 100 11.67 -11.06 6.99
C ARG B 100 12.08 -11.05 5.52
N TRP B 101 11.10 -10.87 4.63
CA TRP B 101 11.35 -10.82 3.19
C TRP B 101 12.50 -9.87 2.85
N GLN B 102 12.49 -8.71 3.52
CA GLN B 102 13.50 -7.68 3.31
C GLN B 102 14.93 -8.21 3.30
N GLU B 103 15.23 -9.12 4.21
CA GLU B 103 16.57 -9.66 4.30
C GLU B 103 16.82 -10.96 3.56
N VAL B 104 15.83 -11.46 2.81
CA VAL B 104 16.03 -12.71 2.08
C VAL B 104 15.72 -12.65 0.59
N ILE B 105 15.03 -11.62 0.12
CA ILE B 105 14.75 -11.54 -1.30
C ILE B 105 16.07 -11.38 -2.02
N PRO B 106 16.20 -11.99 -3.20
CA PRO B 106 17.45 -11.88 -3.96
C PRO B 106 17.61 -10.52 -4.65
N TYR B 107 18.85 -10.20 -4.99
CA TYR B 107 19.21 -8.97 -5.69
C TYR B 107 20.28 -9.41 -6.67
N THR B 108 19.85 -9.72 -7.90
CA THR B 108 20.73 -10.21 -8.95
C THR B 108 21.35 -9.11 -9.81
N PRO B 109 22.40 -9.44 -10.57
CA PRO B 109 23.04 -8.43 -11.42
C PRO B 109 22.11 -7.76 -12.43
N ALA B 110 21.19 -8.51 -13.02
CA ALA B 110 20.25 -7.91 -13.98
C ALA B 110 19.32 -6.94 -13.25
N MET B 111 18.92 -7.27 -12.02
CA MET B 111 18.06 -6.37 -11.26
C MET B 111 18.87 -5.11 -10.97
N GLN B 112 20.12 -5.31 -10.57
CA GLN B 112 21.03 -4.22 -10.23
C GLN B 112 21.31 -3.27 -11.40
N ARG B 113 21.53 -3.81 -12.60
CA ARG B 113 21.78 -2.97 -13.77
C ARG B 113 20.59 -2.05 -14.02
N TYR B 114 19.37 -2.57 -13.82
CA TYR B 114 18.16 -1.77 -14.01
C TYR B 114 18.18 -0.64 -12.98
N VAL B 115 18.30 -1.02 -11.71
CA VAL B 115 18.34 -0.05 -10.60
C VAL B 115 19.40 1.03 -10.80
N LYS B 116 20.60 0.62 -11.20
CA LYS B 116 21.70 1.55 -11.43
C LYS B 116 21.33 2.61 -12.47
N ARG B 117 20.82 2.17 -13.61
CA ARG B 117 20.44 3.11 -14.66
C ARG B 117 19.36 4.10 -14.19
N LEU B 118 18.43 3.62 -13.36
CA LEU B 118 17.36 4.48 -12.85
C LEU B 118 17.94 5.63 -12.00
N HIS B 119 18.87 5.30 -11.11
CA HIS B 119 19.51 6.33 -10.27
C HIS B 119 20.36 7.26 -11.11
N GLU B 120 21.06 6.71 -12.11
CA GLU B 120 21.90 7.52 -13.00
C GLU B 120 21.03 8.57 -13.67
N VAL B 121 19.91 8.12 -14.23
CA VAL B 121 18.99 9.02 -14.89
C VAL B 121 18.41 10.03 -13.90
N GLY B 122 18.00 9.56 -12.73
CA GLY B 122 17.42 10.46 -11.75
C GLY B 122 18.39 11.48 -11.19
N ARG B 123 19.67 11.11 -11.10
CA ARG B 123 20.68 12.00 -10.57
C ARG B 123 21.43 12.87 -11.57
N THR B 124 21.57 12.41 -12.80
CA THR B 124 22.32 13.20 -13.79
C THR B 124 21.56 13.69 -15.00
N GLU B 125 20.47 13.01 -15.36
CA GLU B 125 19.68 13.43 -16.50
C GLU B 125 18.20 13.11 -16.29
N PRO B 126 17.62 13.69 -15.22
CA PRO B 126 16.21 13.50 -14.84
C PRO B 126 15.21 13.83 -15.93
N GLU B 127 15.64 14.57 -16.95
CA GLU B 127 14.74 14.90 -18.04
C GLU B 127 14.34 13.64 -18.81
N LEU B 128 14.99 12.52 -18.52
CA LEU B 128 14.69 11.25 -19.18
C LEU B 128 13.88 10.30 -18.30
N LEU B 129 13.67 10.67 -17.05
CA LEU B 129 12.93 9.82 -16.11
C LEU B 129 11.54 9.47 -16.65
N VAL B 130 10.95 10.41 -17.39
CA VAL B 130 9.62 10.21 -17.97
C VAL B 130 9.58 8.97 -18.86
N ALA B 131 10.71 8.64 -19.50
CA ALA B 131 10.78 7.46 -20.37
C ALA B 131 10.62 6.18 -19.54
N HIS B 132 11.21 6.18 -18.35
CA HIS B 132 11.13 5.03 -17.48
C HIS B 132 9.76 4.93 -16.79
N ALA B 133 9.20 6.08 -16.40
CA ALA B 133 7.88 6.10 -15.76
C ALA B 133 6.81 5.57 -16.72
N TYR B 134 6.87 6.04 -17.97
CA TYR B 134 5.95 5.63 -19.02
C TYR B 134 6.04 4.12 -19.25
N THR B 135 7.26 3.65 -19.47
CA THR B 135 7.51 2.24 -19.72
C THR B 135 6.95 1.35 -18.61
N ARG B 136 7.37 1.61 -17.38
CA ARG B 136 6.92 0.84 -16.23
C ARG B 136 5.42 0.97 -15.93
N TYR B 137 5.02 2.16 -15.49
CA TYR B 137 3.63 2.41 -15.13
C TYR B 137 2.57 2.04 -16.17
N LEU B 138 2.66 2.60 -17.37
CA LEU B 138 1.65 2.29 -18.38
C LEU B 138 1.74 0.84 -18.83
N GLY B 139 2.93 0.27 -18.77
CA GLY B 139 3.11 -1.11 -19.14
C GLY B 139 2.42 -2.03 -18.15
N ASP B 140 2.68 -1.80 -16.86
CA ASP B 140 2.08 -2.63 -15.82
C ASP B 140 0.59 -2.39 -15.68
N LEU B 141 0.16 -1.15 -15.88
CA LEU B 141 -1.26 -0.83 -15.80
C LEU B 141 -2.02 -1.51 -16.94
N SER B 142 -1.51 -1.40 -18.15
CA SER B 142 -2.14 -1.98 -19.33
C SER B 142 -2.30 -3.50 -19.30
N GLY B 143 -1.20 -4.23 -19.15
CA GLY B 143 -1.28 -5.68 -19.12
C GLY B 143 -1.57 -6.27 -17.76
N GLY B 144 -1.54 -5.43 -16.73
CA GLY B 144 -1.77 -5.88 -15.37
C GLY B 144 -2.96 -6.80 -15.14
N GLN B 145 -4.10 -6.47 -15.74
CA GLN B 145 -5.29 -7.28 -15.57
C GLN B 145 -5.19 -8.65 -16.23
N VAL B 146 -4.59 -8.70 -17.41
CA VAL B 146 -4.44 -9.96 -18.11
C VAL B 146 -3.53 -10.89 -17.31
N LEU B 147 -2.35 -10.41 -16.95
CA LEU B 147 -1.39 -11.22 -16.18
C LEU B 147 -1.92 -11.62 -14.81
N LYS B 148 -2.79 -10.79 -14.24
CA LYS B 148 -3.36 -11.07 -12.92
C LYS B 148 -4.16 -12.38 -12.91
N LYS B 149 -5.08 -12.51 -13.86
CA LYS B 149 -5.92 -13.70 -13.96
C LYS B 149 -5.06 -14.94 -14.23
N ILE B 150 -4.09 -14.79 -15.12
CA ILE B 150 -3.19 -15.89 -15.46
C ILE B 150 -2.45 -16.36 -14.20
N ALA B 151 -1.98 -15.40 -13.41
CA ALA B 151 -1.27 -15.71 -12.19
C ALA B 151 -2.16 -16.45 -11.20
N GLN B 152 -3.41 -15.98 -11.05
CA GLN B 152 -4.36 -16.59 -10.14
C GLN B 152 -4.57 -18.06 -10.47
N LYS B 153 -4.76 -18.33 -11.76
CA LYS B 153 -4.99 -19.68 -12.25
C LYS B 153 -3.76 -20.57 -12.12
N ALA B 154 -2.59 -19.99 -12.36
CA ALA B 154 -1.34 -20.74 -12.29
C ALA B 154 -0.76 -21.00 -10.90
N LEU B 155 -0.89 -20.01 -10.00
CA LEU B 155 -0.32 -20.15 -8.65
C LEU B 155 -1.20 -20.84 -7.60
N ASP B 156 -2.49 -20.95 -7.85
CA ASP B 156 -3.40 -21.62 -6.92
C ASP B 156 -3.14 -21.17 -5.49
N LEU B 157 -3.32 -19.88 -5.24
CA LEU B 157 -3.08 -19.29 -3.92
C LEU B 157 -4.04 -19.73 -2.84
N PRO B 158 -3.59 -19.66 -1.57
CA PRO B 158 -4.50 -20.05 -0.50
C PRO B 158 -5.51 -18.89 -0.44
N SER B 159 -6.61 -19.05 0.28
CA SER B 159 -7.58 -17.97 0.33
C SER B 159 -7.32 -17.03 1.51
N SER B 160 -6.16 -16.38 1.51
CA SER B 160 -5.80 -15.48 2.60
C SER B 160 -5.80 -14.00 2.21
N GLY B 161 -6.34 -13.69 1.03
CA GLY B 161 -6.45 -12.33 0.55
C GLY B 161 -5.21 -11.49 0.32
N GLU B 162 -4.08 -12.10 0.00
CA GLU B 162 -2.84 -11.35 -0.21
C GLU B 162 -1.99 -12.00 -1.30
N GLY B 163 -0.97 -11.25 -1.71
CA GLY B 163 -0.04 -11.76 -2.71
C GLY B 163 -0.08 -11.18 -4.11
N LEU B 164 -1.16 -10.47 -4.46
CA LEU B 164 -1.26 -9.90 -5.81
C LEU B 164 -1.70 -8.45 -5.86
N ALA B 165 -1.53 -7.74 -4.75
CA ALA B 165 -1.90 -6.34 -4.69
C ALA B 165 -1.24 -5.53 -5.82
N PHE B 166 -0.01 -5.90 -6.19
CA PHE B 166 0.71 -5.20 -7.26
C PHE B 166 -0.12 -5.05 -8.55
N PHE B 167 -0.94 -6.05 -8.83
CA PHE B 167 -1.76 -6.05 -10.04
C PHE B 167 -3.01 -5.17 -10.03
N THR B 168 -3.24 -4.48 -8.93
CA THR B 168 -4.40 -3.58 -8.82
C THR B 168 -3.94 -2.17 -8.42
N PHE B 169 -4.28 -1.19 -9.25
CA PHE B 169 -3.98 0.22 -8.99
C PHE B 169 -5.34 0.71 -8.46
N PRO B 170 -5.54 0.69 -7.14
CA PRO B 170 -6.79 1.10 -6.50
C PRO B 170 -7.24 2.56 -6.67
N ASN B 171 -6.30 3.46 -6.84
CA ASN B 171 -6.66 4.88 -6.98
C ASN B 171 -6.93 5.28 -8.43
N ILE B 172 -7.12 4.29 -9.29
CA ILE B 172 -7.42 4.52 -10.70
C ILE B 172 -8.68 3.73 -11.07
N ALA B 173 -9.81 4.43 -11.20
CA ALA B 173 -11.07 3.79 -11.55
C ALA B 173 -11.08 3.21 -12.95
N SER B 174 -10.57 3.97 -13.92
CA SER B 174 -10.51 3.50 -15.30
C SER B 174 -9.12 3.64 -15.88
N ALA B 175 -8.51 2.53 -16.24
CA ALA B 175 -7.17 2.54 -16.80
C ALA B 175 -7.16 3.36 -18.09
N THR B 176 -8.20 3.18 -18.91
CA THR B 176 -8.31 3.90 -20.16
C THR B 176 -8.33 5.41 -19.98
N LYS B 177 -9.19 5.89 -19.09
CA LYS B 177 -9.28 7.32 -18.86
C LYS B 177 -8.01 7.89 -18.25
N PHE B 178 -7.33 7.11 -17.40
CA PHE B 178 -6.10 7.60 -16.79
C PHE B 178 -4.99 7.73 -17.83
N LYS B 179 -4.85 6.71 -18.69
CA LYS B 179 -3.82 6.74 -19.72
C LYS B 179 -4.02 7.89 -20.69
N GLN B 180 -5.27 8.29 -20.91
CA GLN B 180 -5.52 9.40 -21.82
C GLN B 180 -5.00 10.69 -21.19
N LEU B 181 -5.24 10.85 -19.90
CA LEU B 181 -4.76 12.03 -19.18
C LEU B 181 -3.23 12.04 -19.11
N TYR B 182 -2.65 10.87 -18.86
CA TYR B 182 -1.20 10.76 -18.76
C TYR B 182 -0.54 11.12 -20.08
N ARG B 183 -1.04 10.56 -21.18
CA ARG B 183 -0.48 10.87 -22.50
C ARG B 183 -0.57 12.37 -22.73
N SER B 184 -1.68 12.97 -22.29
CA SER B 184 -1.88 14.41 -22.44
C SER B 184 -0.79 15.16 -21.69
N ARG B 185 -0.54 14.74 -20.45
CA ARG B 185 0.48 15.40 -19.64
C ARG B 185 1.85 15.21 -20.27
N MET B 186 2.07 14.04 -20.89
CA MET B 186 3.35 13.75 -21.53
C MET B 186 3.61 14.68 -22.70
N ASN B 187 2.57 14.99 -23.46
CA ASN B 187 2.69 15.87 -24.62
C ASN B 187 2.82 17.35 -24.28
N SER B 188 2.59 17.68 -23.01
CA SER B 188 2.70 19.07 -22.56
C SER B 188 4.13 19.32 -22.11
N LEU B 189 4.89 18.25 -21.96
CA LEU B 189 6.28 18.35 -21.54
C LEU B 189 7.10 19.18 -22.52
N GLU B 190 7.88 20.12 -21.99
CA GLU B 190 8.71 21.00 -22.80
C GLU B 190 10.15 20.49 -22.80
N MET B 191 10.72 20.36 -23.99
CA MET B 191 12.10 19.89 -24.11
C MET B 191 12.70 20.23 -25.46
N THR B 192 14.03 20.34 -25.49
CA THR B 192 14.75 20.66 -26.71
C THR B 192 14.68 19.43 -27.60
N PRO B 193 14.85 19.61 -28.92
CA PRO B 193 14.80 18.48 -29.85
C PRO B 193 15.83 17.41 -29.49
N ALA B 194 16.95 17.85 -28.93
CA ALA B 194 18.03 16.94 -28.53
C ALA B 194 17.55 16.02 -27.41
N VAL B 195 17.07 16.64 -26.33
CA VAL B 195 16.55 15.91 -25.17
C VAL B 195 15.44 14.95 -25.60
N ARG B 196 14.54 15.41 -26.46
CA ARG B 196 13.45 14.55 -26.91
C ARG B 196 13.95 13.29 -27.62
N GLN B 197 15.04 13.40 -28.36
CA GLN B 197 15.59 12.23 -29.05
C GLN B 197 16.09 11.24 -28.01
N ARG B 198 16.72 11.76 -26.96
CA ARG B 198 17.22 10.90 -25.89
C ARG B 198 16.10 10.24 -25.08
N VAL B 199 15.00 10.94 -24.91
CA VAL B 199 13.87 10.38 -24.17
C VAL B 199 13.36 9.15 -24.91
N ILE B 200 13.25 9.28 -26.23
CA ILE B 200 12.80 8.18 -27.07
C ILE B 200 13.78 7.01 -26.97
N GLU B 201 15.06 7.33 -26.94
CA GLU B 201 16.09 6.30 -26.85
C GLU B 201 16.07 5.63 -25.48
N GLU B 202 15.86 6.43 -24.44
CA GLU B 202 15.81 5.91 -23.09
C GLU B 202 14.67 4.90 -22.95
N ALA B 203 13.59 5.14 -23.68
CA ALA B 203 12.44 4.23 -23.64
C ALA B 203 12.86 2.86 -24.18
N LYS B 204 13.68 2.86 -25.23
CA LYS B 204 14.17 1.61 -25.81
C LYS B 204 15.05 0.90 -24.80
N THR B 205 15.92 1.67 -24.15
CA THR B 205 16.83 1.15 -23.13
C THR B 205 16.04 0.50 -22.01
N ALA B 206 14.92 1.12 -21.65
CA ALA B 206 14.06 0.60 -20.60
C ALA B 206 13.61 -0.80 -20.96
N PHE B 207 13.15 -0.98 -22.21
CA PHE B 207 12.69 -2.28 -22.66
C PHE B 207 13.83 -3.30 -22.67
N LEU B 208 14.99 -2.90 -23.15
CA LEU B 208 16.14 -3.80 -23.20
C LEU B 208 16.56 -4.22 -21.78
N LEU B 209 16.36 -3.33 -20.80
CA LEU B 209 16.72 -3.66 -19.41
C LEU B 209 15.76 -4.75 -18.91
N ASN B 210 14.51 -4.69 -19.38
CA ASN B 210 13.51 -5.68 -19.00
C ASN B 210 13.80 -7.00 -19.71
N ILE B 211 14.11 -6.92 -21.00
CA ILE B 211 14.42 -8.11 -21.78
C ILE B 211 15.60 -8.85 -21.14
N GLN B 212 16.64 -8.08 -20.76
CA GLN B 212 17.82 -8.65 -20.13
C GLN B 212 17.47 -9.29 -18.78
N LEU B 213 16.52 -8.69 -18.06
CA LEU B 213 16.08 -9.24 -16.77
C LEU B 213 15.39 -10.58 -16.99
N PHE B 214 14.57 -10.66 -18.02
CA PHE B 214 13.85 -11.90 -18.32
C PHE B 214 14.79 -13.03 -18.71
N GLU B 215 15.83 -12.69 -19.47
CA GLU B 215 16.78 -13.71 -19.90
C GLU B 215 17.53 -14.25 -18.70
N GLU B 216 17.81 -13.40 -17.71
CA GLU B 216 18.52 -13.84 -16.52
C GLU B 216 17.64 -14.72 -15.63
N LEU B 217 16.39 -14.31 -15.44
CA LEU B 217 15.48 -15.09 -14.60
C LEU B 217 15.31 -16.49 -15.17
N GLN B 218 15.16 -16.56 -16.49
CA GLN B 218 15.00 -17.83 -17.19
C GLN B 218 16.24 -18.69 -16.99
N GLU B 219 17.41 -18.05 -16.99
CA GLU B 219 18.67 -18.77 -16.79
C GLU B 219 18.76 -19.30 -15.36
N LEU B 220 18.33 -18.49 -14.38
CA LEU B 220 18.36 -18.90 -12.99
C LEU B 220 17.41 -20.07 -12.75
N LEU B 221 16.34 -20.13 -13.54
CA LEU B 221 15.35 -21.18 -13.40
C LEU B 221 15.67 -22.47 -14.14
N THR B 222 16.55 -22.43 -15.13
CA THR B 222 16.88 -23.64 -15.88
C THR B 222 18.37 -23.98 -15.98
N HIS B 223 19.23 -23.02 -15.67
CA HIS B 223 20.68 -23.21 -15.75
C HIS B 223 21.06 -23.75 -17.13
FE VER C . -7.61 -5.58 21.33
NA VER C . -6.35 -7.02 21.91
NB VER C . -8.91 -6.92 20.67
NC VER C . -8.73 -4.14 20.55
ND VER C . -6.22 -4.24 21.85
C1A VER C . -5.10 -6.90 22.50
CHA VER C . -4.43 -5.70 22.72
C4D VER C . -4.95 -4.44 22.39
C1B VER C . -8.79 -8.32 20.73
CHB VER C . -7.68 -9.02 21.28
C4A VER C . -6.55 -8.40 21.83
C1C VER C . -10.01 -4.23 20.03
O VER C . -10.70 -5.43 19.86
C4B VER C . -10.18 -6.69 20.15
C1D VER C . -6.31 -2.85 21.74
CHD VER C . -7.32 -2.18 21.08
C4C VER C . -8.42 -2.78 20.48
C3A VER C . -5.37 -9.06 22.39
CMA VER C . -5.17 -10.55 22.58
C2B VER C . -10.02 -8.94 20.26
CMB VER C . -10.31 -10.44 20.19
C3B VER C . -10.88 -7.95 19.94
CAB VER C . -12.23 -8.10 19.62
CBB VER C . -12.69 -8.80 18.45
C2C VER C . -10.54 -2.90 19.68
CMC VER C . -11.98 -2.53 19.30
C3C VER C . -9.53 -2.01 19.91
CAC VER C . -9.52 -0.62 19.73
CBC VER C . -10.15 0.13 18.66
C2D VER C . -5.12 -2.20 22.24
CMD VER C . -4.83 -0.70 22.24
C3D VER C . -4.27 -3.16 22.64
CAD VER C . -2.88 -2.88 23.21
CBD VER C . -2.73 -3.31 24.67
CGD VER C . -1.46 -2.77 25.31
O1D VER C . -1.41 -1.57 25.63
O2D VER C . -0.51 -3.56 25.51
FE VER D . 2.87 -4.27 -22.98
NA VER D . 0.94 -4.04 -23.43
NB VER D . 2.51 -6.20 -22.59
NC VER D . 4.62 -4.45 -22.02
ND VER D . 3.03 -2.29 -22.84
C1A VER D . 0.27 -2.86 -23.76
CHA VER D . 0.79 -1.58 -23.62
C4D VER D . 2.08 -1.31 -23.18
C1B VER D . 1.31 -6.91 -22.75
CHB VER D . 0.11 -6.36 -23.18
C4A VER D . -0.07 -5.01 -23.50
C1C VER D . 5.26 -5.63 -21.62
O VER D . 4.70 -6.89 -21.65
C4B VER D . 3.40 -7.16 -22.08
C1D VER D . 4.13 -1.54 -22.40
CHD VER D . 5.28 -2.08 -21.83
C4C VER D . 5.51 -3.44 -21.64
C3A VER D . -1.33 -4.41 -23.93
CMA VER D . -2.67 -5.07 -24.19
C2B VER D . 1.48 -8.30 -22.38
CMB VER D . 0.43 -9.42 -22.48
C3B VER D . 2.75 -8.47 -21.96
CAB VER D . 3.29 -9.67 -21.50
CBB VER D . 4.31 -10.39 -22.24
C2C VER D . 6.57 -5.35 -21.03
CMC VER D . 7.61 -6.37 -20.60
C3C VER D . 6.71 -4.00 -21.00
CAC VER D . 7.78 -3.29 -20.44
CBC VER D . 8.23 -3.44 -19.07
C2D VER D . 3.87 -0.11 -22.51
CMD VER D . 4.83 1.03 -22.18
C3D VER D . 2.61 0.03 -22.98
CAD VER D . 1.92 1.38 -23.23
CBD VER D . 1.51 1.60 -24.67
CGD VER D . 0.95 2.98 -24.92
O1D VER D . 1.73 3.95 -24.91
O2D VER D . -0.28 3.09 -25.13
#